data_5C3H
#
_entry.id   5C3H
#
_cell.length_a   71.562
_cell.length_b   71.562
_cell.length_c   105.726
_cell.angle_alpha   90.00
_cell.angle_beta   90.00
_cell.angle_gamma   90.00
#
_symmetry.space_group_name_H-M   'P 41 2 2'
#
loop_
_entity.id
_entity.type
_entity.pdbx_description
1 polymer 'E3 ubiquitin-protein ligase XIAP'
2 non-polymer 'ZINC ION'
3 non-polymer 4-[2-oxo-2-(piperidin-1-yl)ethyl]piperazin-1-ium
4 water water
#
_entity_poly.entity_id   1
_entity_poly.type   'polypeptide(L)'
_entity_poly.pdbx_seq_one_letter_code
;GSHMNFPNSTNLPRNPSMADYEARIFTFGTWIYSVNKEQLARAGFYALGEGDKVKCFHCGGGLTDWKPSEDPWEQHAKWY
PGCKYLLEQKGQEYINNIHLTHSLEECLVR
;
_entity_poly.pdbx_strand_id   A
#
# COMPACT_ATOMS: atom_id res chain seq x y z
N ASN A 5 11.92 0.90 11.26
CA ASN A 5 11.09 2.01 11.76
C ASN A 5 9.62 1.59 11.82
N PHE A 6 8.99 1.79 12.99
CA PHE A 6 7.64 1.32 13.27
C PHE A 6 6.62 1.96 12.31
N PRO A 7 5.44 1.31 12.07
CA PRO A 7 4.46 1.94 11.15
C PRO A 7 3.68 3.07 11.86
N ASN A 8 3.32 4.11 11.11
CA ASN A 8 2.49 5.17 11.65
C ASN A 8 0.97 4.82 11.70
N SER A 9 0.37 4.76 12.92
CA SER A 9 -1.07 4.56 13.09
C SER A 9 -1.87 5.80 13.55
N THR A 10 -1.24 6.99 13.64
CA THR A 10 -1.93 8.27 13.93
C THR A 10 -2.75 8.68 12.71
N ASN A 11 -3.61 9.70 12.83
CA ASN A 11 -4.48 10.09 11.73
C ASN A 11 -3.79 11.10 10.84
N LEU A 12 -2.53 11.39 11.17
CA LEU A 12 -1.69 12.36 10.49
C LEU A 12 -0.63 11.65 9.67
N PRO A 13 -0.50 12.01 8.37
CA PRO A 13 0.47 11.35 7.51
C PRO A 13 1.91 11.67 7.80
N ARG A 14 2.74 10.64 7.63
CA ARG A 14 4.18 10.68 7.85
C ARG A 14 4.89 11.45 6.73
N ASN A 15 4.37 11.43 5.52
CA ASN A 15 5.01 12.19 4.46
C ASN A 15 3.96 13.09 3.81
N PRO A 16 3.61 14.23 4.42
CA PRO A 16 2.59 15.11 3.81
C PRO A 16 2.89 15.69 2.40
N SER A 17 4.16 15.63 1.90
CA SER A 17 4.49 16.06 0.52
C SER A 17 3.95 15.10 -0.55
N MET A 18 3.64 13.85 -0.15
CA MET A 18 3.06 12.85 -1.01
C MET A 18 1.56 12.66 -0.73
N ALA A 19 0.92 13.65 -0.11
CA ALA A 19 -0.49 13.49 0.26
C ALA A 19 -1.42 13.59 -0.93
N ASP A 20 -1.01 14.35 -1.95
CA ASP A 20 -1.80 14.48 -3.18
C ASP A 20 -1.44 13.40 -4.19
N TYR A 21 -2.48 12.76 -4.78
CA TYR A 21 -2.32 11.75 -5.82
C TYR A 21 -1.31 12.18 -6.91
N GLU A 22 -1.46 13.41 -7.44
CA GLU A 22 -0.58 13.93 -8.49
C GLU A 22 0.89 13.97 -8.07
N ALA A 23 1.18 14.31 -6.81
CA ALA A 23 2.54 14.29 -6.27
C ALA A 23 3.16 12.89 -6.35
N ARG A 24 2.39 11.88 -5.92
CA ARG A 24 2.78 10.47 -5.90
C ARG A 24 3.03 9.94 -7.29
N ILE A 25 2.14 10.24 -8.24
CA ILE A 25 2.20 9.69 -9.59
C ILE A 25 3.49 10.13 -10.31
N PHE A 26 3.99 11.34 -10.03
CA PHE A 26 5.25 11.84 -10.56
C PHE A 26 6.49 11.07 -10.12
N THR A 27 6.43 10.29 -9.03
CA THR A 27 7.63 9.63 -8.48
C THR A 27 8.07 8.42 -9.29
N PHE A 28 7.16 7.82 -10.04
CA PHE A 28 7.36 6.56 -10.74
C PHE A 28 8.24 6.77 -12.00
N GLY A 29 7.76 7.65 -12.88
CA GLY A 29 8.37 7.92 -14.18
C GLY A 29 7.93 6.84 -15.14
N THR A 30 8.80 6.43 -16.10
CA THR A 30 8.51 5.21 -16.84
C THR A 30 8.56 4.02 -15.87
N TRP A 31 7.44 3.31 -15.76
CA TRP A 31 7.28 2.26 -14.76
C TRP A 31 7.17 0.94 -15.51
N ILE A 32 8.20 0.08 -15.38
CA ILE A 32 8.28 -1.18 -16.13
C ILE A 32 7.69 -2.34 -15.35
N TYR A 33 7.36 -2.12 -14.09
CA TYR A 33 7.04 -3.17 -13.12
C TYR A 33 5.60 -3.69 -13.27
N SER A 34 5.27 -4.77 -12.53
CA SER A 34 4.11 -5.61 -12.83
C SER A 34 2.80 -5.02 -12.35
N VAL A 35 2.85 -4.15 -11.36
CA VAL A 35 1.64 -3.54 -10.82
C VAL A 35 1.51 -2.12 -11.35
N ASN A 36 0.32 -1.83 -11.88
CA ASN A 36 -0.07 -0.56 -12.48
C ASN A 36 0.20 0.57 -11.49
N LYS A 37 0.88 1.62 -11.93
CA LYS A 37 1.31 2.72 -11.06
C LYS A 37 0.16 3.62 -10.62
N GLU A 38 -0.88 3.80 -11.46
CA GLU A 38 -2.03 4.62 -11.07
C GLU A 38 -2.74 3.95 -9.91
N GLN A 39 -2.83 2.60 -9.98
CA GLN A 39 -3.39 1.80 -8.90
C GLN A 39 -2.59 1.90 -7.65
N LEU A 40 -1.23 1.96 -7.78
CA LEU A 40 -0.33 2.04 -6.64
C LEU A 40 -0.49 3.41 -5.97
N ALA A 41 -0.61 4.47 -6.77
CA ALA A 41 -0.80 5.82 -6.28
C ALA A 41 -2.13 6.00 -5.59
N ARG A 42 -3.22 5.39 -6.13
CA ARG A 42 -4.58 5.46 -5.53
C ARG A 42 -4.59 4.82 -4.14
N ALA A 43 -3.86 3.70 -3.97
CA ALA A 43 -3.66 3.03 -2.68
C ALA A 43 -2.69 3.76 -1.76
N GLY A 44 -2.21 4.92 -2.19
CA GLY A 44 -1.44 5.83 -1.35
C GLY A 44 0.06 5.69 -1.46
N PHE A 45 0.53 4.88 -2.42
CA PHE A 45 1.94 4.60 -2.63
C PHE A 45 2.65 5.57 -3.61
N TYR A 46 3.89 5.94 -3.27
CA TYR A 46 4.76 6.69 -4.17
C TYR A 46 6.02 5.84 -4.29
N ALA A 47 6.82 6.09 -5.32
CA ALA A 47 7.96 5.25 -5.69
C ALA A 47 9.23 5.77 -5.07
N LEU A 48 10.14 4.86 -4.66
CA LEU A 48 11.42 5.26 -4.05
C LEU A 48 12.62 5.34 -5.04
N GLY A 49 12.44 4.82 -6.26
CA GLY A 49 13.48 4.80 -7.26
C GLY A 49 14.36 3.58 -7.19
N GLU A 50 13.99 2.65 -6.32
CA GLU A 50 14.77 1.48 -5.94
C GLU A 50 13.96 0.24 -6.41
N GLY A 51 14.09 -0.09 -7.70
CA GLY A 51 13.28 -1.14 -8.29
C GLY A 51 11.79 -0.87 -8.16
N ASP A 52 11.01 -1.86 -7.72
CA ASP A 52 9.58 -1.60 -7.55
C ASP A 52 9.21 -1.33 -6.11
N LYS A 53 10.14 -0.77 -5.31
CA LYS A 53 9.86 -0.39 -3.93
C LYS A 53 8.98 0.85 -3.94
N VAL A 54 7.80 0.70 -3.33
CA VAL A 54 6.88 1.79 -2.99
C VAL A 54 6.83 2.00 -1.45
N LYS A 55 6.45 3.23 -1.01
CA LYS A 55 6.20 3.58 0.40
C LYS A 55 4.85 4.29 0.47
N CYS A 56 4.01 4.00 1.48
CA CYS A 56 2.76 4.74 1.74
C CYS A 56 3.06 6.07 2.36
N PHE A 57 2.53 7.14 1.77
CA PHE A 57 2.66 8.50 2.28
C PHE A 57 2.16 8.65 3.71
N HIS A 58 1.14 7.88 4.11
CA HIS A 58 0.50 8.10 5.42
C HIS A 58 1.17 7.27 6.49
N CYS A 59 1.18 5.93 6.36
CA CYS A 59 1.79 5.06 7.36
C CYS A 59 3.29 4.93 7.22
N GLY A 60 3.85 5.31 6.08
CA GLY A 60 5.25 5.08 5.78
C GLY A 60 5.55 3.64 5.40
N GLY A 61 4.54 2.79 5.39
CA GLY A 61 4.69 1.38 5.03
C GLY A 61 5.34 1.14 3.67
N GLY A 62 6.43 0.38 3.67
CA GLY A 62 7.17 0.01 2.47
C GLY A 62 6.85 -1.38 1.97
N LEU A 63 6.68 -1.53 0.65
CA LEU A 63 6.44 -2.80 0.00
C LEU A 63 7.34 -2.92 -1.25
N THR A 64 7.91 -4.10 -1.46
CA THR A 64 8.82 -4.40 -2.59
C THR A 64 8.56 -5.77 -3.22
N ASP A 65 9.16 -6.03 -4.39
CA ASP A 65 9.09 -7.32 -5.12
C ASP A 65 7.66 -7.73 -5.39
N TRP A 66 6.96 -6.85 -6.11
CA TRP A 66 5.57 -7.01 -6.53
C TRP A 66 5.42 -8.06 -7.61
N LYS A 67 4.37 -8.90 -7.49
CA LYS A 67 3.94 -9.93 -8.45
C LYS A 67 2.80 -9.37 -9.30
N PRO A 68 2.54 -9.86 -10.54
CA PRO A 68 1.49 -9.23 -11.35
C PRO A 68 0.10 -9.43 -10.76
N SER A 69 -0.13 -10.61 -10.13
CA SER A 69 -1.37 -10.96 -9.43
C SER A 69 -1.72 -10.04 -8.23
N GLU A 70 -0.74 -9.34 -7.61
CA GLU A 70 -0.97 -8.64 -6.33
C GLU A 70 -1.68 -7.30 -6.50
N ASP A 71 -2.63 -7.00 -5.56
CA ASP A 71 -3.36 -5.72 -5.51
C ASP A 71 -2.77 -4.78 -4.45
N PRO A 72 -2.43 -3.52 -4.85
CA PRO A 72 -1.97 -2.51 -3.87
C PRO A 72 -2.79 -2.37 -2.61
N TRP A 73 -4.13 -2.29 -2.68
CA TRP A 73 -4.93 -2.08 -1.46
C TRP A 73 -4.88 -3.30 -0.56
N GLU A 74 -4.95 -4.50 -1.17
CA GLU A 74 -4.83 -5.78 -0.45
C GLU A 74 -3.48 -5.92 0.27
N GLN A 75 -2.37 -5.63 -0.43
CA GLN A 75 -1.01 -5.64 0.09
C GLN A 75 -0.80 -4.64 1.22
N HIS A 76 -1.32 -3.41 1.03
CA HIS A 76 -1.37 -2.35 2.01
C HIS A 76 -2.02 -2.87 3.28
N ALA A 77 -3.22 -3.49 3.14
CA ALA A 77 -3.96 -4.01 4.30
C ALA A 77 -3.30 -5.20 4.94
N LYS A 78 -2.63 -6.06 4.16
CA LYS A 78 -1.96 -7.26 4.73
C LYS A 78 -0.84 -6.83 5.68
N TRP A 79 0.09 -5.95 5.19
CA TRP A 79 1.34 -5.59 5.83
C TRP A 79 1.22 -4.37 6.75
N TYR A 80 0.30 -3.43 6.43
CA TYR A 80 0.12 -2.21 7.19
C TYR A 80 -1.32 -2.05 7.66
N PRO A 81 -1.85 -3.03 8.45
CA PRO A 81 -3.26 -2.98 8.85
C PRO A 81 -3.62 -1.83 9.78
N GLY A 82 -2.60 -1.17 10.38
CA GLY A 82 -2.79 -0.04 11.29
C GLY A 82 -3.01 1.32 10.63
N CYS A 83 -2.97 1.36 9.30
CA CYS A 83 -2.92 2.59 8.53
C CYS A 83 -4.23 3.31 8.46
N LYS A 84 -4.21 4.56 8.88
CA LYS A 84 -5.43 5.35 8.96
C LYS A 84 -5.93 5.83 7.61
N TYR A 85 -5.02 6.05 6.61
CA TYR A 85 -5.39 6.27 5.18
C TYR A 85 -6.22 5.07 4.63
N LEU A 86 -5.65 3.86 4.64
CA LEU A 86 -6.33 2.58 4.38
C LEU A 86 -7.69 2.51 5.08
N LEU A 87 -7.76 2.83 6.40
CA LEU A 87 -9.01 2.73 7.12
C LEU A 87 -10.01 3.74 6.64
N GLU A 88 -9.54 4.91 6.18
CA GLU A 88 -10.43 5.98 5.71
C GLU A 88 -11.04 5.66 4.35
N GLN A 89 -10.22 5.14 3.42
CA GLN A 89 -10.56 4.94 2.02
C GLN A 89 -11.28 3.63 1.80
N LYS A 90 -11.05 2.64 2.66
CA LYS A 90 -11.59 1.28 2.44
C LYS A 90 -12.62 0.80 3.49
N GLY A 91 -12.52 1.31 4.72
CA GLY A 91 -13.37 0.91 5.83
C GLY A 91 -12.92 -0.37 6.48
N GLN A 92 -13.24 -0.54 7.79
CA GLN A 92 -12.75 -1.68 8.61
C GLN A 92 -13.31 -3.03 8.06
N GLU A 93 -14.52 -3.05 7.47
CA GLU A 93 -15.05 -4.31 6.97
C GLU A 93 -14.13 -4.92 5.89
N TYR A 94 -13.87 -4.16 4.79
CA TYR A 94 -12.90 -4.52 3.75
C TYR A 94 -11.64 -5.09 4.37
N ILE A 95 -11.04 -4.37 5.32
CA ILE A 95 -9.79 -4.81 6.00
C ILE A 95 -9.96 -6.19 6.65
N ASN A 96 -11.11 -6.42 7.27
CA ASN A 96 -11.39 -7.69 7.90
C ASN A 96 -11.56 -8.80 6.89
N ASN A 97 -12.33 -8.55 5.79
CA ASN A 97 -12.34 -9.43 4.62
C ASN A 97 -10.92 -9.79 4.22
N ILE A 98 -10.07 -8.78 3.84
CA ILE A 98 -8.70 -9.05 3.41
C ILE A 98 -7.95 -9.91 4.46
N HIS A 99 -8.14 -9.64 5.75
CA HIS A 99 -7.26 -10.34 6.67
C HIS A 99 -7.70 -11.78 6.89
N LEU A 100 -9.00 -12.00 7.07
CA LEU A 100 -9.58 -13.34 7.03
C LEU A 100 -9.17 -14.12 5.77
N THR A 101 -9.04 -13.44 4.62
CA THR A 101 -8.72 -14.12 3.37
C THR A 101 -7.30 -14.61 3.43
N HIS A 102 -6.37 -13.73 3.83
CA HIS A 102 -4.94 -14.02 3.87
C HIS A 102 -4.60 -15.04 4.93
N SER A 103 -5.23 -14.92 6.10
CA SER A 103 -5.15 -15.90 7.16
C SER A 103 -5.74 -17.25 6.78
N LEU A 104 -6.79 -17.29 5.93
CA LEU A 104 -7.39 -18.55 5.43
C LEU A 104 -6.59 -19.15 4.28
N GLU A 105 -5.91 -18.30 3.50
CA GLU A 105 -5.03 -18.75 2.42
C GLU A 105 -3.86 -19.53 3.04
N GLU A 106 -3.26 -18.95 4.11
CA GLU A 106 -2.16 -19.49 4.90
C GLU A 106 -2.49 -20.87 5.48
N CYS A 107 -3.71 -21.03 6.03
CA CYS A 107 -4.15 -22.24 6.69
C CYS A 107 -4.53 -23.35 5.71
N LEU A 108 -5.04 -23.00 4.51
CA LEU A 108 -5.38 -24.00 3.48
C LEU A 108 -4.13 -24.73 2.88
N VAL A 109 -2.93 -24.48 3.46
CA VAL A 109 -1.65 -25.10 3.09
C VAL A 109 -0.81 -25.50 4.36
N ARG A 110 -0.48 -24.51 5.27
CA ARG A 110 0.24 -24.76 6.55
C ARG A 110 -0.71 -25.33 7.63
#